data_1EMZ
# 
_entry.id   1EMZ 
# 
_audit_conform.dict_name       mmcif_pdbx.dic 
_audit_conform.dict_version    5.392 
_audit_conform.dict_location   http://mmcif.pdb.org/dictionaries/ascii/mmcif_pdbx.dic 
# 
loop_
_database_2.database_id 
_database_2.database_code 
_database_2.pdbx_database_accession 
_database_2.pdbx_DOI 
PDB   1EMZ         pdb_00001emz 10.2210/pdb1emz/pdb 
RCSB  RCSB010735   ?            ?                   
WWPDB D_1000010735 ?            ?                   
# 
loop_
_pdbx_audit_revision_history.ordinal 
_pdbx_audit_revision_history.data_content_type 
_pdbx_audit_revision_history.major_revision 
_pdbx_audit_revision_history.minor_revision 
_pdbx_audit_revision_history.revision_date 
1 'Structure model' 1 0 2000-04-05 
2 'Structure model' 1 1 2008-04-27 
3 'Structure model' 1 2 2011-07-13 
4 'Structure model' 1 3 2022-02-16 
5 'Structure model' 1 4 2024-05-22 
# 
_pdbx_audit_revision_details.ordinal             1 
_pdbx_audit_revision_details.revision_ordinal    1 
_pdbx_audit_revision_details.data_content_type   'Structure model' 
_pdbx_audit_revision_details.provider            repository 
_pdbx_audit_revision_details.type                'Initial release' 
_pdbx_audit_revision_details.description         ? 
_pdbx_audit_revision_details.details             ? 
# 
loop_
_pdbx_audit_revision_group.ordinal 
_pdbx_audit_revision_group.revision_ordinal 
_pdbx_audit_revision_group.data_content_type 
_pdbx_audit_revision_group.group 
1 2 'Structure model' 'Version format compliance' 
2 3 'Structure model' 'Version format compliance' 
3 4 'Structure model' 'Database references'       
4 4 'Structure model' 'Derived calculations'      
5 5 'Structure model' 'Data collection'           
# 
loop_
_pdbx_audit_revision_category.ordinal 
_pdbx_audit_revision_category.revision_ordinal 
_pdbx_audit_revision_category.data_content_type 
_pdbx_audit_revision_category.category 
1 4 'Structure model' database_2            
2 4 'Structure model' pdbx_struct_assembly  
3 4 'Structure model' pdbx_struct_oper_list 
4 5 'Structure model' chem_comp_atom        
5 5 'Structure model' chem_comp_bond        
# 
loop_
_pdbx_audit_revision_item.ordinal 
_pdbx_audit_revision_item.revision_ordinal 
_pdbx_audit_revision_item.data_content_type 
_pdbx_audit_revision_item.item 
1 4 'Structure model' '_database_2.pdbx_DOI'                
2 4 'Structure model' '_database_2.pdbx_database_accession' 
# 
_pdbx_database_status.status_code                     REL 
_pdbx_database_status.entry_id                        1EMZ 
_pdbx_database_status.recvd_initial_deposition_date   2000-03-20 
_pdbx_database_status.deposit_site                    RCSB 
_pdbx_database_status.process_site                    RCSB 
_pdbx_database_status.status_code_mr                  REL 
_pdbx_database_status.SG_entry                        . 
_pdbx_database_status.pdb_format_compatible           Y 
_pdbx_database_status.status_code_sf                  ? 
_pdbx_database_status.status_code_cs                  ? 
_pdbx_database_status.status_code_nmr_data            ? 
_pdbx_database_status.methods_development_category    ? 
# 
loop_
_audit_author.name 
_audit_author.pdbx_ordinal 
'Op De Beeck, A.' 1 
'Montserret, R.'  2 
'Duvet, S.'       3 
'Cocquerel, L.'   4 
'Cacan, R.'       5 
'Barberot, B.'    6 
'Le Maire, M.'    7 
'Penin, F.'       8 
'Dubuisson, J.'   9 
# 
_citation.id                        primary 
_citation.title                     
'The transmembrane domains of hepatitis C virus envelope glycoproteins E1 and E2 play a major role in heterodimerization.' 
_citation.journal_abbrev            J.Biol.Chem. 
_citation.journal_volume            275 
_citation.page_first                31428 
_citation.page_last                 31437 
_citation.year                      2000 
_citation.journal_id_ASTM           JBCHA3 
_citation.country                   US 
_citation.journal_id_ISSN           0021-9258 
_citation.journal_id_CSD            0071 
_citation.book_publisher            ? 
_citation.pdbx_database_id_PubMed   10807921 
_citation.pdbx_database_id_DOI      10.1074/jbc.M003003200 
# 
loop_
_citation_author.citation_id 
_citation_author.name 
_citation_author.ordinal 
_citation_author.identifier_ORCID 
primary 'Op De Beeck, A.' 1 ? 
primary 'Montserret, R.'  2 ? 
primary 'Duvet, S.'       3 ? 
primary 'Cocquerel, L.'   4 ? 
primary 'Cacan, R.'       5 ? 
primary 'Barberot, B.'    6 ? 
primary 'Le Maire, M.'    7 ? 
primary 'Penin, F.'       8 ? 
primary 'Dubuisson, J.'   9 ? 
# 
_entity.id                         1 
_entity.type                       polymer 
_entity.src_method                 syn 
_entity.pdbx_description           'ENVELOPE GLYCOPROTEIN E1' 
_entity.formula_weight             2237.581 
_entity.pdbx_number_of_molecules   1 
_entity.pdbx_ec                    ? 
_entity.pdbx_mutation              ? 
_entity.pdbx_fragment              'TRANSMEMBRANE DOMAIN (RESIDUES 350-370)' 
_entity.details                    ? 
# 
_entity_poly.entity_id                      1 
_entity_poly.type                           'polypeptide(L)' 
_entity_poly.nstd_linkage                   no 
_entity_poly.nstd_monomer                   no 
_entity_poly.pdbx_seq_one_letter_code       GAHWGVLAGIAYFSMVGNWAK 
_entity_poly.pdbx_seq_one_letter_code_can   GAHWGVLAGIAYFSMVGNWAK 
_entity_poly.pdbx_strand_id                 A 
_entity_poly.pdbx_target_identifier         ? 
# 
loop_
_entity_poly_seq.entity_id 
_entity_poly_seq.num 
_entity_poly_seq.mon_id 
_entity_poly_seq.hetero 
1 1  GLY n 
1 2  ALA n 
1 3  HIS n 
1 4  TRP n 
1 5  GLY n 
1 6  VAL n 
1 7  LEU n 
1 8  ALA n 
1 9  GLY n 
1 10 ILE n 
1 11 ALA n 
1 12 TYR n 
1 13 PHE n 
1 14 SER n 
1 15 MET n 
1 16 VAL n 
1 17 GLY n 
1 18 ASN n 
1 19 TRP n 
1 20 ALA n 
1 21 LYS n 
# 
_pdbx_entity_src_syn.entity_id              1 
_pdbx_entity_src_syn.pdbx_src_id            1 
_pdbx_entity_src_syn.pdbx_alt_source_flag   sample 
_pdbx_entity_src_syn.pdbx_beg_seq_num       ? 
_pdbx_entity_src_syn.pdbx_end_seq_num       ? 
_pdbx_entity_src_syn.organism_scientific    ? 
_pdbx_entity_src_syn.organism_common_name   ? 
_pdbx_entity_src_syn.ncbi_taxonomy_id       ? 
_pdbx_entity_src_syn.details                
'This peptide was chemically synthesized. The sequence of this peptide is naturally found in hepatitis C virus.' 
# 
loop_
_chem_comp.id 
_chem_comp.type 
_chem_comp.mon_nstd_flag 
_chem_comp.name 
_chem_comp.pdbx_synonyms 
_chem_comp.formula 
_chem_comp.formula_weight 
ALA 'L-peptide linking' y ALANINE       ? 'C3 H7 N O2'     89.093  
ASN 'L-peptide linking' y ASPARAGINE    ? 'C4 H8 N2 O3'    132.118 
GLY 'peptide linking'   y GLYCINE       ? 'C2 H5 N O2'     75.067  
HIS 'L-peptide linking' y HISTIDINE     ? 'C6 H10 N3 O2 1' 156.162 
ILE 'L-peptide linking' y ISOLEUCINE    ? 'C6 H13 N O2'    131.173 
LEU 'L-peptide linking' y LEUCINE       ? 'C6 H13 N O2'    131.173 
LYS 'L-peptide linking' y LYSINE        ? 'C6 H15 N2 O2 1' 147.195 
MET 'L-peptide linking' y METHIONINE    ? 'C5 H11 N O2 S'  149.211 
PHE 'L-peptide linking' y PHENYLALANINE ? 'C9 H11 N O2'    165.189 
SER 'L-peptide linking' y SERINE        ? 'C3 H7 N O3'     105.093 
TRP 'L-peptide linking' y TRYPTOPHAN    ? 'C11 H12 N2 O2'  204.225 
TYR 'L-peptide linking' y TYROSINE      ? 'C9 H11 N O3'    181.189 
VAL 'L-peptide linking' y VALINE        ? 'C5 H11 N O2'    117.146 
# 
loop_
_pdbx_poly_seq_scheme.asym_id 
_pdbx_poly_seq_scheme.entity_id 
_pdbx_poly_seq_scheme.seq_id 
_pdbx_poly_seq_scheme.mon_id 
_pdbx_poly_seq_scheme.ndb_seq_num 
_pdbx_poly_seq_scheme.pdb_seq_num 
_pdbx_poly_seq_scheme.auth_seq_num 
_pdbx_poly_seq_scheme.pdb_mon_id 
_pdbx_poly_seq_scheme.auth_mon_id 
_pdbx_poly_seq_scheme.pdb_strand_id 
_pdbx_poly_seq_scheme.pdb_ins_code 
_pdbx_poly_seq_scheme.hetero 
A 1 1  GLY 1  1  1  GLY GLY A . n 
A 1 2  ALA 2  2  2  ALA ALA A . n 
A 1 3  HIS 3  3  3  HIS HIS A . n 
A 1 4  TRP 4  4  4  TRP TRP A . n 
A 1 5  GLY 5  5  5  GLY GLY A . n 
A 1 6  VAL 6  6  6  VAL VAL A . n 
A 1 7  LEU 7  7  7  LEU LEU A . n 
A 1 8  ALA 8  8  8  ALA ALA A . n 
A 1 9  GLY 9  9  9  GLY GLY A . n 
A 1 10 ILE 10 10 10 ILE ILE A . n 
A 1 11 ALA 11 11 11 ALA ALA A . n 
A 1 12 TYR 12 12 12 TYR TYR A . n 
A 1 13 PHE 13 13 13 PHE PHE A . n 
A 1 14 SER 14 14 14 SER SER A . n 
A 1 15 MET 15 15 15 MET MET A . n 
A 1 16 VAL 16 16 16 VAL VAL A . n 
A 1 17 GLY 17 17 17 GLY GLY A . n 
A 1 18 ASN 18 18 18 ASN ASN A . n 
A 1 19 TRP 19 19 19 TRP TRP A . n 
A 1 20 ALA 20 20 20 ALA ALA A . n 
A 1 21 LYS 21 21 21 LYS LYS A . n 
# 
_cell.entry_id           1EMZ 
_cell.length_a           1.000 
_cell.length_b           1.000 
_cell.length_c           1.000 
_cell.angle_alpha        90.00 
_cell.angle_beta         90.00 
_cell.angle_gamma        90.00 
_cell.Z_PDB              1 
_cell.pdbx_unique_axis   ? 
# 
_symmetry.entry_id                         1EMZ 
_symmetry.space_group_name_H-M             'P 1' 
_symmetry.pdbx_full_space_group_name_H-M   ? 
_symmetry.cell_setting                     ? 
_symmetry.Int_Tables_number                1 
# 
_exptl.entry_id          1EMZ 
_exptl.method            'SOLUTION NMR' 
_exptl.crystals_number   ? 
# 
_struct.entry_id                  1EMZ 
_struct.title                     
'SOLUTION STRUCTURE OF FRAGMENT (350-370) OF THE TRANSMEMBRANE DOMAIN OF HEPATITIS C ENVELOPE GLYCOPROTEIN E1' 
_struct.pdbx_model_details        ? 
_struct.pdbx_CASP_flag            ? 
_struct.pdbx_model_type_details   ? 
# 
_struct_keywords.entry_id        1EMZ 
_struct_keywords.pdbx_keywords   'VIRAL PROTEIN' 
_struct_keywords.text            'transmembrane domain, envelope protein E1, hepatitis C virus, Viral protein' 
# 
_struct_asym.id                            A 
_struct_asym.pdbx_blank_PDB_chainid_flag   N 
_struct_asym.pdbx_modified                 N 
_struct_asym.entity_id                     1 
_struct_asym.details                       ? 
# 
_struct_ref.id                         1 
_struct_ref.db_code                    Q9Q3N3_9HEPC 
_struct_ref.db_name                    UNP 
_struct_ref.entity_id                  1 
_struct_ref.pdbx_db_accession          Q9Q3N3 
_struct_ref.pdbx_align_begin           350 
_struct_ref.pdbx_seq_one_letter_code   GAHWGVLAGIAYFSMVGNWAK 
_struct_ref.pdbx_db_isoform            ? 
# 
_struct_ref_seq.align_id                      1 
_struct_ref_seq.ref_id                        1 
_struct_ref_seq.pdbx_PDB_id_code              1EMZ 
_struct_ref_seq.pdbx_strand_id                A 
_struct_ref_seq.seq_align_beg                 1 
_struct_ref_seq.pdbx_seq_align_beg_ins_code   ? 
_struct_ref_seq.seq_align_end                 21 
_struct_ref_seq.pdbx_seq_align_end_ins_code   ? 
_struct_ref_seq.pdbx_db_accession             Q9Q3N3 
_struct_ref_seq.db_align_beg                  350 
_struct_ref_seq.pdbx_db_align_beg_ins_code    ? 
_struct_ref_seq.db_align_end                  370 
_struct_ref_seq.pdbx_db_align_end_ins_code    ? 
_struct_ref_seq.pdbx_auth_seq_align_beg       1 
_struct_ref_seq.pdbx_auth_seq_align_end       21 
# 
_pdbx_struct_assembly.id                   1 
_pdbx_struct_assembly.details              author_defined_assembly 
_pdbx_struct_assembly.method_details       ? 
_pdbx_struct_assembly.oligomeric_details   monomeric 
_pdbx_struct_assembly.oligomeric_count     1 
# 
_pdbx_struct_assembly_gen.assembly_id       1 
_pdbx_struct_assembly_gen.oper_expression   1 
_pdbx_struct_assembly_gen.asym_id_list      A 
# 
_pdbx_struct_oper_list.id                   1 
_pdbx_struct_oper_list.type                 'identity operation' 
_pdbx_struct_oper_list.name                 1_555 
_pdbx_struct_oper_list.symmetry_operation   x,y,z 
_pdbx_struct_oper_list.matrix[1][1]         1.0000000000 
_pdbx_struct_oper_list.matrix[1][2]         0.0000000000 
_pdbx_struct_oper_list.matrix[1][3]         0.0000000000 
_pdbx_struct_oper_list.vector[1]            0.0000000000 
_pdbx_struct_oper_list.matrix[2][1]         0.0000000000 
_pdbx_struct_oper_list.matrix[2][2]         1.0000000000 
_pdbx_struct_oper_list.matrix[2][3]         0.0000000000 
_pdbx_struct_oper_list.vector[2]            0.0000000000 
_pdbx_struct_oper_list.matrix[3][1]         0.0000000000 
_pdbx_struct_oper_list.matrix[3][2]         0.0000000000 
_pdbx_struct_oper_list.matrix[3][3]         1.0000000000 
_pdbx_struct_oper_list.vector[3]            0.0000000000 
# 
_struct_biol.id   1 
# 
_struct_conf.conf_type_id            HELX_P 
_struct_conf.id                      HELX_P1 
_struct_conf.pdbx_PDB_helix_id       1 
_struct_conf.beg_label_comp_id       HIS 
_struct_conf.beg_label_asym_id       A 
_struct_conf.beg_label_seq_id        3 
_struct_conf.pdbx_beg_PDB_ins_code   ? 
_struct_conf.end_label_comp_id       LYS 
_struct_conf.end_label_asym_id       A 
_struct_conf.end_label_seq_id        21 
_struct_conf.pdbx_end_PDB_ins_code   ? 
_struct_conf.beg_auth_comp_id        HIS 
_struct_conf.beg_auth_asym_id        A 
_struct_conf.beg_auth_seq_id         3 
_struct_conf.end_auth_comp_id        LYS 
_struct_conf.end_auth_asym_id        A 
_struct_conf.end_auth_seq_id         21 
_struct_conf.pdbx_PDB_helix_class    1 
_struct_conf.details                 ? 
_struct_conf.pdbx_PDB_helix_length   19 
# 
_struct_conf_type.id          HELX_P 
_struct_conf_type.criteria    ? 
_struct_conf_type.reference   ? 
# 
_pdbx_nmr_ensemble.entry_id                                      1EMZ 
_pdbx_nmr_ensemble.conformers_calculated_total_number            50 
_pdbx_nmr_ensemble.conformers_submitted_total_number             1 
_pdbx_nmr_ensemble.conformer_selection_criteria                  
;back calculated data agree with experimental NOESY spectrum,structures with the least restraint violations,structures with the lowest energy
;
_pdbx_nmr_ensemble.average_constraints_per_residue               ? 
_pdbx_nmr_ensemble.average_constraint_violations_per_residue     ? 
_pdbx_nmr_ensemble.maximum_distance_constraint_violation         ? 
_pdbx_nmr_ensemble.average_distance_constraint_violation         ? 
_pdbx_nmr_ensemble.maximum_upper_distance_constraint_violation   ? 
_pdbx_nmr_ensemble.maximum_lower_distance_constraint_violation   ? 
_pdbx_nmr_ensemble.distance_constraint_violation_method          ? 
_pdbx_nmr_ensemble.maximum_torsion_angle_constraint_violation    ? 
_pdbx_nmr_ensemble.average_torsion_angle_constraint_violation    ? 
_pdbx_nmr_ensemble.torsion_angle_constraint_violation_method     ? 
# 
_pdbx_nmr_representative.entry_id             1EMZ 
_pdbx_nmr_representative.conformer_id         1 
_pdbx_nmr_representative.selection_criteria   'closest to the average' 
# 
_pdbx_nmr_sample_details.solution_id      1 
_pdbx_nmr_sample_details.contents         '4 mM E1(350-370), 50% H2O, 50% D2 trifluoroethanol (v/v)' 
_pdbx_nmr_sample_details.solvent_system   '50% H2O, 50% D2 trifluoroethanol (v/v)' 
# 
_pdbx_nmr_exptl_sample_conditions.conditions_id       1 
_pdbx_nmr_exptl_sample_conditions.temperature         293 
_pdbx_nmr_exptl_sample_conditions.pressure            ambient 
_pdbx_nmr_exptl_sample_conditions.pH                  5.7 
_pdbx_nmr_exptl_sample_conditions.ionic_strength      ? 
_pdbx_nmr_exptl_sample_conditions.pressure_units      ? 
_pdbx_nmr_exptl_sample_conditions.temperature_units   K 
# 
loop_
_pdbx_nmr_exptl.experiment_id 
_pdbx_nmr_exptl.solution_id 
_pdbx_nmr_exptl.conditions_id 
_pdbx_nmr_exptl.type 
1 1 1 DQF-COSY   
2 1 1 TOCSY      
3 1 1 '2D NOESY' 
# 
_pdbx_nmr_details.entry_id   1EMZ 
_pdbx_nmr_details.text       'sodium 2,2 dimethyl-2-silapentane-5-sulfonate (DSS) in the internal nmr reference' 
# 
_pdbx_nmr_refine.entry_id           1EMZ 
_pdbx_nmr_refine.method             'distance geometry, simulated annealing, molecular dynamic, energy minimization' 
_pdbx_nmr_refine.details            'the structure is based on 337 Noe derived distance constraints' 
_pdbx_nmr_refine.software_ordinal   1 
# 
loop_
_pdbx_nmr_software.name 
_pdbx_nmr_software.version 
_pdbx_nmr_software.classification 
_pdbx_nmr_software.authors 
_pdbx_nmr_software.ordinal 
VNMR   6.1 collection           'Varian Inc.'  1 
X-PLOR 3.1 'structure solution' 'Brunger A.T.' 2 
X-PLOR 3.1 refinement           'Brunger A.T.' 3 
# 
loop_
_chem_comp_atom.comp_id 
_chem_comp_atom.atom_id 
_chem_comp_atom.type_symbol 
_chem_comp_atom.pdbx_aromatic_flag 
_chem_comp_atom.pdbx_stereo_config 
_chem_comp_atom.pdbx_ordinal 
ALA N    N N N 1   
ALA CA   C N S 2   
ALA C    C N N 3   
ALA O    O N N 4   
ALA CB   C N N 5   
ALA OXT  O N N 6   
ALA H    H N N 7   
ALA H2   H N N 8   
ALA HA   H N N 9   
ALA HB1  H N N 10  
ALA HB2  H N N 11  
ALA HB3  H N N 12  
ALA HXT  H N N 13  
ASN N    N N N 14  
ASN CA   C N S 15  
ASN C    C N N 16  
ASN O    O N N 17  
ASN CB   C N N 18  
ASN CG   C N N 19  
ASN OD1  O N N 20  
ASN ND2  N N N 21  
ASN OXT  O N N 22  
ASN H    H N N 23  
ASN H2   H N N 24  
ASN HA   H N N 25  
ASN HB2  H N N 26  
ASN HB3  H N N 27  
ASN HD21 H N N 28  
ASN HD22 H N N 29  
ASN HXT  H N N 30  
GLY N    N N N 31  
GLY CA   C N N 32  
GLY C    C N N 33  
GLY O    O N N 34  
GLY OXT  O N N 35  
GLY H    H N N 36  
GLY H2   H N N 37  
GLY HA2  H N N 38  
GLY HA3  H N N 39  
GLY HXT  H N N 40  
HIS N    N N N 41  
HIS CA   C N S 42  
HIS C    C N N 43  
HIS O    O N N 44  
HIS CB   C N N 45  
HIS CG   C Y N 46  
HIS ND1  N Y N 47  
HIS CD2  C Y N 48  
HIS CE1  C Y N 49  
HIS NE2  N Y N 50  
HIS OXT  O N N 51  
HIS H    H N N 52  
HIS H2   H N N 53  
HIS HA   H N N 54  
HIS HB2  H N N 55  
HIS HB3  H N N 56  
HIS HD1  H N N 57  
HIS HD2  H N N 58  
HIS HE1  H N N 59  
HIS HE2  H N N 60  
HIS HXT  H N N 61  
ILE N    N N N 62  
ILE CA   C N S 63  
ILE C    C N N 64  
ILE O    O N N 65  
ILE CB   C N S 66  
ILE CG1  C N N 67  
ILE CG2  C N N 68  
ILE CD1  C N N 69  
ILE OXT  O N N 70  
ILE H    H N N 71  
ILE H2   H N N 72  
ILE HA   H N N 73  
ILE HB   H N N 74  
ILE HG12 H N N 75  
ILE HG13 H N N 76  
ILE HG21 H N N 77  
ILE HG22 H N N 78  
ILE HG23 H N N 79  
ILE HD11 H N N 80  
ILE HD12 H N N 81  
ILE HD13 H N N 82  
ILE HXT  H N N 83  
LEU N    N N N 84  
LEU CA   C N S 85  
LEU C    C N N 86  
LEU O    O N N 87  
LEU CB   C N N 88  
LEU CG   C N N 89  
LEU CD1  C N N 90  
LEU CD2  C N N 91  
LEU OXT  O N N 92  
LEU H    H N N 93  
LEU H2   H N N 94  
LEU HA   H N N 95  
LEU HB2  H N N 96  
LEU HB3  H N N 97  
LEU HG   H N N 98  
LEU HD11 H N N 99  
LEU HD12 H N N 100 
LEU HD13 H N N 101 
LEU HD21 H N N 102 
LEU HD22 H N N 103 
LEU HD23 H N N 104 
LEU HXT  H N N 105 
LYS N    N N N 106 
LYS CA   C N S 107 
LYS C    C N N 108 
LYS O    O N N 109 
LYS CB   C N N 110 
LYS CG   C N N 111 
LYS CD   C N N 112 
LYS CE   C N N 113 
LYS NZ   N N N 114 
LYS OXT  O N N 115 
LYS H    H N N 116 
LYS H2   H N N 117 
LYS HA   H N N 118 
LYS HB2  H N N 119 
LYS HB3  H N N 120 
LYS HG2  H N N 121 
LYS HG3  H N N 122 
LYS HD2  H N N 123 
LYS HD3  H N N 124 
LYS HE2  H N N 125 
LYS HE3  H N N 126 
LYS HZ1  H N N 127 
LYS HZ2  H N N 128 
LYS HZ3  H N N 129 
LYS HXT  H N N 130 
MET N    N N N 131 
MET CA   C N S 132 
MET C    C N N 133 
MET O    O N N 134 
MET CB   C N N 135 
MET CG   C N N 136 
MET SD   S N N 137 
MET CE   C N N 138 
MET OXT  O N N 139 
MET H    H N N 140 
MET H2   H N N 141 
MET HA   H N N 142 
MET HB2  H N N 143 
MET HB3  H N N 144 
MET HG2  H N N 145 
MET HG3  H N N 146 
MET HE1  H N N 147 
MET HE2  H N N 148 
MET HE3  H N N 149 
MET HXT  H N N 150 
PHE N    N N N 151 
PHE CA   C N S 152 
PHE C    C N N 153 
PHE O    O N N 154 
PHE CB   C N N 155 
PHE CG   C Y N 156 
PHE CD1  C Y N 157 
PHE CD2  C Y N 158 
PHE CE1  C Y N 159 
PHE CE2  C Y N 160 
PHE CZ   C Y N 161 
PHE OXT  O N N 162 
PHE H    H N N 163 
PHE H2   H N N 164 
PHE HA   H N N 165 
PHE HB2  H N N 166 
PHE HB3  H N N 167 
PHE HD1  H N N 168 
PHE HD2  H N N 169 
PHE HE1  H N N 170 
PHE HE2  H N N 171 
PHE HZ   H N N 172 
PHE HXT  H N N 173 
SER N    N N N 174 
SER CA   C N S 175 
SER C    C N N 176 
SER O    O N N 177 
SER CB   C N N 178 
SER OG   O N N 179 
SER OXT  O N N 180 
SER H    H N N 181 
SER H2   H N N 182 
SER HA   H N N 183 
SER HB2  H N N 184 
SER HB3  H N N 185 
SER HG   H N N 186 
SER HXT  H N N 187 
TRP N    N N N 188 
TRP CA   C N S 189 
TRP C    C N N 190 
TRP O    O N N 191 
TRP CB   C N N 192 
TRP CG   C Y N 193 
TRP CD1  C Y N 194 
TRP CD2  C Y N 195 
TRP NE1  N Y N 196 
TRP CE2  C Y N 197 
TRP CE3  C Y N 198 
TRP CZ2  C Y N 199 
TRP CZ3  C Y N 200 
TRP CH2  C Y N 201 
TRP OXT  O N N 202 
TRP H    H N N 203 
TRP H2   H N N 204 
TRP HA   H N N 205 
TRP HB2  H N N 206 
TRP HB3  H N N 207 
TRP HD1  H N N 208 
TRP HE1  H N N 209 
TRP HE3  H N N 210 
TRP HZ2  H N N 211 
TRP HZ3  H N N 212 
TRP HH2  H N N 213 
TRP HXT  H N N 214 
TYR N    N N N 215 
TYR CA   C N S 216 
TYR C    C N N 217 
TYR O    O N N 218 
TYR CB   C N N 219 
TYR CG   C Y N 220 
TYR CD1  C Y N 221 
TYR CD2  C Y N 222 
TYR CE1  C Y N 223 
TYR CE2  C Y N 224 
TYR CZ   C Y N 225 
TYR OH   O N N 226 
TYR OXT  O N N 227 
TYR H    H N N 228 
TYR H2   H N N 229 
TYR HA   H N N 230 
TYR HB2  H N N 231 
TYR HB3  H N N 232 
TYR HD1  H N N 233 
TYR HD2  H N N 234 
TYR HE1  H N N 235 
TYR HE2  H N N 236 
TYR HH   H N N 237 
TYR HXT  H N N 238 
VAL N    N N N 239 
VAL CA   C N S 240 
VAL C    C N N 241 
VAL O    O N N 242 
VAL CB   C N N 243 
VAL CG1  C N N 244 
VAL CG2  C N N 245 
VAL OXT  O N N 246 
VAL H    H N N 247 
VAL H2   H N N 248 
VAL HA   H N N 249 
VAL HB   H N N 250 
VAL HG11 H N N 251 
VAL HG12 H N N 252 
VAL HG13 H N N 253 
VAL HG21 H N N 254 
VAL HG22 H N N 255 
VAL HG23 H N N 256 
VAL HXT  H N N 257 
# 
loop_
_chem_comp_bond.comp_id 
_chem_comp_bond.atom_id_1 
_chem_comp_bond.atom_id_2 
_chem_comp_bond.value_order 
_chem_comp_bond.pdbx_aromatic_flag 
_chem_comp_bond.pdbx_stereo_config 
_chem_comp_bond.pdbx_ordinal 
ALA N   CA   sing N N 1   
ALA N   H    sing N N 2   
ALA N   H2   sing N N 3   
ALA CA  C    sing N N 4   
ALA CA  CB   sing N N 5   
ALA CA  HA   sing N N 6   
ALA C   O    doub N N 7   
ALA C   OXT  sing N N 8   
ALA CB  HB1  sing N N 9   
ALA CB  HB2  sing N N 10  
ALA CB  HB3  sing N N 11  
ALA OXT HXT  sing N N 12  
ASN N   CA   sing N N 13  
ASN N   H    sing N N 14  
ASN N   H2   sing N N 15  
ASN CA  C    sing N N 16  
ASN CA  CB   sing N N 17  
ASN CA  HA   sing N N 18  
ASN C   O    doub N N 19  
ASN C   OXT  sing N N 20  
ASN CB  CG   sing N N 21  
ASN CB  HB2  sing N N 22  
ASN CB  HB3  sing N N 23  
ASN CG  OD1  doub N N 24  
ASN CG  ND2  sing N N 25  
ASN ND2 HD21 sing N N 26  
ASN ND2 HD22 sing N N 27  
ASN OXT HXT  sing N N 28  
GLY N   CA   sing N N 29  
GLY N   H    sing N N 30  
GLY N   H2   sing N N 31  
GLY CA  C    sing N N 32  
GLY CA  HA2  sing N N 33  
GLY CA  HA3  sing N N 34  
GLY C   O    doub N N 35  
GLY C   OXT  sing N N 36  
GLY OXT HXT  sing N N 37  
HIS N   CA   sing N N 38  
HIS N   H    sing N N 39  
HIS N   H2   sing N N 40  
HIS CA  C    sing N N 41  
HIS CA  CB   sing N N 42  
HIS CA  HA   sing N N 43  
HIS C   O    doub N N 44  
HIS C   OXT  sing N N 45  
HIS CB  CG   sing N N 46  
HIS CB  HB2  sing N N 47  
HIS CB  HB3  sing N N 48  
HIS CG  ND1  sing Y N 49  
HIS CG  CD2  doub Y N 50  
HIS ND1 CE1  doub Y N 51  
HIS ND1 HD1  sing N N 52  
HIS CD2 NE2  sing Y N 53  
HIS CD2 HD2  sing N N 54  
HIS CE1 NE2  sing Y N 55  
HIS CE1 HE1  sing N N 56  
HIS NE2 HE2  sing N N 57  
HIS OXT HXT  sing N N 58  
ILE N   CA   sing N N 59  
ILE N   H    sing N N 60  
ILE N   H2   sing N N 61  
ILE CA  C    sing N N 62  
ILE CA  CB   sing N N 63  
ILE CA  HA   sing N N 64  
ILE C   O    doub N N 65  
ILE C   OXT  sing N N 66  
ILE CB  CG1  sing N N 67  
ILE CB  CG2  sing N N 68  
ILE CB  HB   sing N N 69  
ILE CG1 CD1  sing N N 70  
ILE CG1 HG12 sing N N 71  
ILE CG1 HG13 sing N N 72  
ILE CG2 HG21 sing N N 73  
ILE CG2 HG22 sing N N 74  
ILE CG2 HG23 sing N N 75  
ILE CD1 HD11 sing N N 76  
ILE CD1 HD12 sing N N 77  
ILE CD1 HD13 sing N N 78  
ILE OXT HXT  sing N N 79  
LEU N   CA   sing N N 80  
LEU N   H    sing N N 81  
LEU N   H2   sing N N 82  
LEU CA  C    sing N N 83  
LEU CA  CB   sing N N 84  
LEU CA  HA   sing N N 85  
LEU C   O    doub N N 86  
LEU C   OXT  sing N N 87  
LEU CB  CG   sing N N 88  
LEU CB  HB2  sing N N 89  
LEU CB  HB3  sing N N 90  
LEU CG  CD1  sing N N 91  
LEU CG  CD2  sing N N 92  
LEU CG  HG   sing N N 93  
LEU CD1 HD11 sing N N 94  
LEU CD1 HD12 sing N N 95  
LEU CD1 HD13 sing N N 96  
LEU CD2 HD21 sing N N 97  
LEU CD2 HD22 sing N N 98  
LEU CD2 HD23 sing N N 99  
LEU OXT HXT  sing N N 100 
LYS N   CA   sing N N 101 
LYS N   H    sing N N 102 
LYS N   H2   sing N N 103 
LYS CA  C    sing N N 104 
LYS CA  CB   sing N N 105 
LYS CA  HA   sing N N 106 
LYS C   O    doub N N 107 
LYS C   OXT  sing N N 108 
LYS CB  CG   sing N N 109 
LYS CB  HB2  sing N N 110 
LYS CB  HB3  sing N N 111 
LYS CG  CD   sing N N 112 
LYS CG  HG2  sing N N 113 
LYS CG  HG3  sing N N 114 
LYS CD  CE   sing N N 115 
LYS CD  HD2  sing N N 116 
LYS CD  HD3  sing N N 117 
LYS CE  NZ   sing N N 118 
LYS CE  HE2  sing N N 119 
LYS CE  HE3  sing N N 120 
LYS NZ  HZ1  sing N N 121 
LYS NZ  HZ2  sing N N 122 
LYS NZ  HZ3  sing N N 123 
LYS OXT HXT  sing N N 124 
MET N   CA   sing N N 125 
MET N   H    sing N N 126 
MET N   H2   sing N N 127 
MET CA  C    sing N N 128 
MET CA  CB   sing N N 129 
MET CA  HA   sing N N 130 
MET C   O    doub N N 131 
MET C   OXT  sing N N 132 
MET CB  CG   sing N N 133 
MET CB  HB2  sing N N 134 
MET CB  HB3  sing N N 135 
MET CG  SD   sing N N 136 
MET CG  HG2  sing N N 137 
MET CG  HG3  sing N N 138 
MET SD  CE   sing N N 139 
MET CE  HE1  sing N N 140 
MET CE  HE2  sing N N 141 
MET CE  HE3  sing N N 142 
MET OXT HXT  sing N N 143 
PHE N   CA   sing N N 144 
PHE N   H    sing N N 145 
PHE N   H2   sing N N 146 
PHE CA  C    sing N N 147 
PHE CA  CB   sing N N 148 
PHE CA  HA   sing N N 149 
PHE C   O    doub N N 150 
PHE C   OXT  sing N N 151 
PHE CB  CG   sing N N 152 
PHE CB  HB2  sing N N 153 
PHE CB  HB3  sing N N 154 
PHE CG  CD1  doub Y N 155 
PHE CG  CD2  sing Y N 156 
PHE CD1 CE1  sing Y N 157 
PHE CD1 HD1  sing N N 158 
PHE CD2 CE2  doub Y N 159 
PHE CD2 HD2  sing N N 160 
PHE CE1 CZ   doub Y N 161 
PHE CE1 HE1  sing N N 162 
PHE CE2 CZ   sing Y N 163 
PHE CE2 HE2  sing N N 164 
PHE CZ  HZ   sing N N 165 
PHE OXT HXT  sing N N 166 
SER N   CA   sing N N 167 
SER N   H    sing N N 168 
SER N   H2   sing N N 169 
SER CA  C    sing N N 170 
SER CA  CB   sing N N 171 
SER CA  HA   sing N N 172 
SER C   O    doub N N 173 
SER C   OXT  sing N N 174 
SER CB  OG   sing N N 175 
SER CB  HB2  sing N N 176 
SER CB  HB3  sing N N 177 
SER OG  HG   sing N N 178 
SER OXT HXT  sing N N 179 
TRP N   CA   sing N N 180 
TRP N   H    sing N N 181 
TRP N   H2   sing N N 182 
TRP CA  C    sing N N 183 
TRP CA  CB   sing N N 184 
TRP CA  HA   sing N N 185 
TRP C   O    doub N N 186 
TRP C   OXT  sing N N 187 
TRP CB  CG   sing N N 188 
TRP CB  HB2  sing N N 189 
TRP CB  HB3  sing N N 190 
TRP CG  CD1  doub Y N 191 
TRP CG  CD2  sing Y N 192 
TRP CD1 NE1  sing Y N 193 
TRP CD1 HD1  sing N N 194 
TRP CD2 CE2  doub Y N 195 
TRP CD2 CE3  sing Y N 196 
TRP NE1 CE2  sing Y N 197 
TRP NE1 HE1  sing N N 198 
TRP CE2 CZ2  sing Y N 199 
TRP CE3 CZ3  doub Y N 200 
TRP CE3 HE3  sing N N 201 
TRP CZ2 CH2  doub Y N 202 
TRP CZ2 HZ2  sing N N 203 
TRP CZ3 CH2  sing Y N 204 
TRP CZ3 HZ3  sing N N 205 
TRP CH2 HH2  sing N N 206 
TRP OXT HXT  sing N N 207 
TYR N   CA   sing N N 208 
TYR N   H    sing N N 209 
TYR N   H2   sing N N 210 
TYR CA  C    sing N N 211 
TYR CA  CB   sing N N 212 
TYR CA  HA   sing N N 213 
TYR C   O    doub N N 214 
TYR C   OXT  sing N N 215 
TYR CB  CG   sing N N 216 
TYR CB  HB2  sing N N 217 
TYR CB  HB3  sing N N 218 
TYR CG  CD1  doub Y N 219 
TYR CG  CD2  sing Y N 220 
TYR CD1 CE1  sing Y N 221 
TYR CD1 HD1  sing N N 222 
TYR CD2 CE2  doub Y N 223 
TYR CD2 HD2  sing N N 224 
TYR CE1 CZ   doub Y N 225 
TYR CE1 HE1  sing N N 226 
TYR CE2 CZ   sing Y N 227 
TYR CE2 HE2  sing N N 228 
TYR CZ  OH   sing N N 229 
TYR OH  HH   sing N N 230 
TYR OXT HXT  sing N N 231 
VAL N   CA   sing N N 232 
VAL N   H    sing N N 233 
VAL N   H2   sing N N 234 
VAL CA  C    sing N N 235 
VAL CA  CB   sing N N 236 
VAL CA  HA   sing N N 237 
VAL C   O    doub N N 238 
VAL C   OXT  sing N N 239 
VAL CB  CG1  sing N N 240 
VAL CB  CG2  sing N N 241 
VAL CB  HB   sing N N 242 
VAL CG1 HG11 sing N N 243 
VAL CG1 HG12 sing N N 244 
VAL CG1 HG13 sing N N 245 
VAL CG2 HG21 sing N N 246 
VAL CG2 HG22 sing N N 247 
VAL CG2 HG23 sing N N 248 
VAL OXT HXT  sing N N 249 
# 
_pdbx_nmr_spectrometer.spectrometer_id   1 
_pdbx_nmr_spectrometer.type              ? 
_pdbx_nmr_spectrometer.manufacturer      Varian 
_pdbx_nmr_spectrometer.model             UNITYPLUS 
_pdbx_nmr_spectrometer.field_strength    500 
# 
_atom_sites.entry_id                    1EMZ 
_atom_sites.fract_transf_matrix[1][1]   1.000000 
_atom_sites.fract_transf_matrix[1][2]   0.000000 
_atom_sites.fract_transf_matrix[1][3]   0.000000 
_atom_sites.fract_transf_matrix[2][1]   0.000000 
_atom_sites.fract_transf_matrix[2][2]   1.000000 
_atom_sites.fract_transf_matrix[2][3]   0.000000 
_atom_sites.fract_transf_matrix[3][1]   0.000000 
_atom_sites.fract_transf_matrix[3][2]   0.000000 
_atom_sites.fract_transf_matrix[3][3]   1.000000 
_atom_sites.fract_transf_vector[1]      0.00000 
_atom_sites.fract_transf_vector[2]      0.00000 
_atom_sites.fract_transf_vector[3]      0.00000 
# 
loop_
_atom_type.symbol 
C 
H 
N 
O 
S 
# 
loop_
_atom_site.group_PDB 
_atom_site.id 
_atom_site.type_symbol 
_atom_site.label_atom_id 
_atom_site.label_alt_id 
_atom_site.label_comp_id 
_atom_site.label_asym_id 
_atom_site.label_entity_id 
_atom_site.label_seq_id 
_atom_site.pdbx_PDB_ins_code 
_atom_site.Cartn_x 
_atom_site.Cartn_y 
_atom_site.Cartn_z 
_atom_site.occupancy 
_atom_site.B_iso_or_equiv 
_atom_site.pdbx_formal_charge 
_atom_site.auth_seq_id 
_atom_site.auth_comp_id 
_atom_site.auth_asym_id 
_atom_site.auth_atom_id 
_atom_site.pdbx_PDB_model_num 
ATOM 1   N N    . GLY A 1 1  ? -13.652 -7.420 7.423   1.00 0.00 ? 1  GLY A N    1 
ATOM 2   C CA   . GLY A 1 1  ? -12.781 -8.100 6.418   1.00 0.00 ? 1  GLY A CA   1 
ATOM 3   C C    . GLY A 1 1  ? -11.398 -7.440 6.394   1.00 0.00 ? 1  GLY A C    1 
ATOM 4   O O    . GLY A 1 1  ? -10.671 -7.519 7.365   1.00 0.00 ? 1  GLY A O    1 
ATOM 5   H H1   . GLY A 1 1  ? -14.506 -7.992 7.585   1.00 0.00 ? 1  GLY A H1   1 
ATOM 6   H H2   . GLY A 1 1  ? -13.925 -6.481 7.066   1.00 0.00 ? 1  GLY A H2   1 
ATOM 7   H H3   . GLY A 1 1  ? -13.138 -7.316 8.322   1.00 0.00 ? 1  GLY A H3   1 
ATOM 8   H HA2  . GLY A 1 1  ? -12.678 -9.142 6.683   1.00 0.00 ? 1  GLY A HA2  1 
ATOM 9   H HA3  . GLY A 1 1  ? -13.228 -8.019 5.440   1.00 0.00 ? 1  GLY A HA3  1 
ATOM 10  N N    . ALA A 1 2  ? -11.042 -6.796 5.305   1.00 0.00 ? 2  ALA A N    1 
ATOM 11  C CA   . ALA A 1 2  ? -9.707  -6.120 5.204   1.00 0.00 ? 2  ALA A CA   1 
ATOM 12  C C    . ALA A 1 2  ? -9.757  -4.734 5.861   1.00 0.00 ? 2  ALA A C    1 
ATOM 13  O O    . ALA A 1 2  ? -10.601 -3.920 5.526   1.00 0.00 ? 2  ALA A O    1 
ATOM 14  C CB   . ALA A 1 2  ? -9.399  -6.002 3.707   1.00 0.00 ? 2  ALA A CB   1 
ATOM 15  H H    . ALA A 1 2  ? -11.662 -6.754 4.546   1.00 0.00 ? 2  ALA A H    1 
ATOM 16  H HA   . ALA A 1 2  ? -8.949  -6.728 5.675   1.00 0.00 ? 2  ALA A HA   1 
ATOM 17  H HB1  . ALA A 1 2  ? -8.387  -5.648 3.577   1.00 0.00 ? 2  ALA A HB1  1 
ATOM 18  H HB2  . ALA A 1 2  ? -10.083 -5.300 3.254   1.00 0.00 ? 2  ALA A HB2  1 
ATOM 19  H HB3  . ALA A 1 2  ? -9.508  -6.967 3.237   1.00 0.00 ? 2  ALA A HB3  1 
ATOM 20  N N    . HIS A 1 3  ? -8.861  -4.466 6.784   1.00 0.00 ? 3  HIS A N    1 
ATOM 21  C CA   . HIS A 1 3  ? -8.825  -3.139 7.485   1.00 0.00 ? 3  HIS A CA   1 
ATOM 22  C C    . HIS A 1 3  ? -8.048  -2.116 6.639   1.00 0.00 ? 3  HIS A C    1 
ATOM 23  O O    . HIS A 1 3  ? -6.971  -1.681 6.998   1.00 0.00 ? 3  HIS A O    1 
ATOM 24  C CB   . HIS A 1 3  ? -8.146  -3.404 8.839   1.00 0.00 ? 3  HIS A CB   1 
ATOM 25  C CG   . HIS A 1 3  ? -8.391  -2.275 9.811   1.00 0.00 ? 3  HIS A CG   1 
ATOM 26  N ND1  . HIS A 1 3  ? -7.984  -2.350 11.133  1.00 0.00 ? 3  HIS A ND1  1 
ATOM 27  C CD2  . HIS A 1 3  ? -8.994  -1.044 9.679   1.00 0.00 ? 3  HIS A CD2  1 
ATOM 28  C CE1  . HIS A 1 3  ? -8.340  -1.205 11.738  1.00 0.00 ? 3  HIS A CE1  1 
ATOM 29  N NE2  . HIS A 1 3  ? -8.961  -0.372 10.898  1.00 0.00 ? 3  HIS A NE2  1 
ATOM 30  H H    . HIS A 1 3  ? -8.198  -5.150 7.021   1.00 0.00 ? 3  HIS A H    1 
ATOM 31  H HA   . HIS A 1 3  ? -9.831  -2.786 7.652   1.00 0.00 ? 3  HIS A HA   1 
ATOM 32  H HB2  . HIS A 1 3  ? -8.535  -4.317 9.262   1.00 0.00 ? 3  HIS A HB2  1 
ATOM 33  H HB3  . HIS A 1 3  ? -7.083  -3.514 8.683   1.00 0.00 ? 3  HIS A HB3  1 
ATOM 34  H HD1  . HIS A 1 3  ? -7.518  -3.104 11.555  1.00 0.00 ? 3  HIS A HD1  1 
ATOM 35  H HD2  . HIS A 1 3  ? -9.430  -0.659 8.770   1.00 0.00 ? 3  HIS A HD2  1 
ATOM 36  H HE1  . HIS A 1 3  ? -8.149  -0.984 12.779  1.00 0.00 ? 3  HIS A HE1  1 
ATOM 37  N N    . TRP A 1 4  ? -8.599  -1.729 5.514   1.00 0.00 ? 4  TRP A N    1 
ATOM 38  C CA   . TRP A 1 4  ? -7.951  -0.741 4.603   1.00 0.00 ? 4  TRP A CA   1 
ATOM 39  C C    . TRP A 1 4  ? -7.731  0.608  5.268   1.00 0.00 ? 4  TRP A C    1 
ATOM 40  O O    . TRP A 1 4  ? -6.816  1.316  4.902   1.00 0.00 ? 4  TRP A O    1 
ATOM 41  C CB   . TRP A 1 4  ? -8.950  -0.544 3.481   1.00 0.00 ? 4  TRP A CB   1 
ATOM 42  C CG   . TRP A 1 4  ? -8.982  -1.754 2.626   1.00 0.00 ? 4  TRP A CG   1 
ATOM 43  C CD1  . TRP A 1 4  ? -10.131 -2.313 2.231   1.00 0.00 ? 4  TRP A CD1  1 
ATOM 44  C CD2  . TRP A 1 4  ? -7.890  -2.543 2.079   1.00 0.00 ? 4  TRP A CD2  1 
ATOM 45  N NE1  . TRP A 1 4  ? -9.832  -3.417 1.453   1.00 0.00 ? 4  TRP A NE1  1 
ATOM 46  C CE2  . TRP A 1 4  ? -8.463  -3.600 1.331   1.00 0.00 ? 4  TRP A CE2  1 
ATOM 47  C CE3  . TRP A 1 4  ? -6.488  -2.443 2.158   1.00 0.00 ? 4  TRP A CE3  1 
ATOM 48  C CZ2  . TRP A 1 4  ? -7.657  -4.536 0.676   1.00 0.00 ? 4  TRP A CZ2  1 
ATOM 49  C CZ3  . TRP A 1 4  ? -5.683  -3.382 1.501   1.00 0.00 ? 4  TRP A CZ3  1 
ATOM 50  C CH2  . TRP A 1 4  ? -6.264  -4.424 0.764   1.00 0.00 ? 4  TRP A CH2  1 
ATOM 51  H H    . TRP A 1 4  ? -9.468  -2.081 5.237   1.00 0.00 ? 4  TRP A H    1 
ATOM 52  H HA   . TRP A 1 4  ? -7.036  -1.124 4.186   1.00 0.00 ? 4  TRP A HA   1 
ATOM 53  H HB2  . TRP A 1 4  ? -9.931  -0.368 3.899   1.00 0.00 ? 4  TRP A HB2  1 
ATOM 54  H HB3  . TRP A 1 4  ? -8.659  0.301  2.904   1.00 0.00 ? 4  TRP A HB3  1 
ATOM 55  H HD1  . TRP A 1 4  ? -11.101 -1.923 2.504   1.00 0.00 ? 4  TRP A HD1  1 
ATOM 56  H HE1  . TRP A 1 4  ? -10.491 -4.008 1.032   1.00 0.00 ? 4  TRP A HE1  1 
ATOM 57  H HE3  . TRP A 1 4  ? -6.028  -1.641 2.727   1.00 0.00 ? 4  TRP A HE3  1 
ATOM 58  H HZ2  . TRP A 1 4  ? -8.105  -5.339 0.109   1.00 0.00 ? 4  TRP A HZ2  1 
ATOM 59  H HZ3  . TRP A 1 4  ? -4.606  -3.304 1.562   1.00 0.00 ? 4  TRP A HZ3  1 
ATOM 60  H HH2  . TRP A 1 4  ? -5.634  -5.143 0.262   1.00 0.00 ? 4  TRP A HH2  1 
ATOM 61  N N    . GLY A 1 5  ? -8.552  0.957  6.220   1.00 0.00 ? 5  GLY A N    1 
ATOM 62  C CA   . GLY A 1 5  ? -8.378  2.264  6.899   1.00 0.00 ? 5  GLY A CA   1 
ATOM 63  C C    . GLY A 1 5  ? -6.948  2.366  7.462   1.00 0.00 ? 5  GLY A C    1 
ATOM 64  O O    . GLY A 1 5  ? -6.345  3.422  7.425   1.00 0.00 ? 5  GLY A O    1 
ATOM 65  H H    . GLY A 1 5  ? -9.285  0.367  6.493   1.00 0.00 ? 5  GLY A H    1 
ATOM 66  H HA2  . GLY A 1 5  ? -8.553  3.025  6.151   1.00 0.00 ? 5  GLY A HA2  1 
ATOM 67  H HA3  . GLY A 1 5  ? -9.103  2.329  7.689   1.00 0.00 ? 5  GLY A HA3  1 
ATOM 68  N N    . VAL A 1 6  ? -6.411  1.273  7.962   1.00 0.00 ? 6  VAL A N    1 
ATOM 69  C CA   . VAL A 1 6  ? -5.020  1.238  8.527   1.00 0.00 ? 6  VAL A CA   1 
ATOM 70  C C    . VAL A 1 6  ? -4.026  0.540  7.575   1.00 0.00 ? 6  VAL A C    1 
ATOM 71  O O    . VAL A 1 6  ? -2.825  0.634  7.744   1.00 0.00 ? 6  VAL A O    1 
ATOM 72  C CB   . VAL A 1 6  ? -5.145  0.487  9.859   1.00 0.00 ? 6  VAL A CB   1 
ATOM 73  C CG1  . VAL A 1 6  ? -3.778  0.321  10.534  1.00 0.00 ? 6  VAL A CG1  1 
ATOM 74  C CG2  . VAL A 1 6  ? -6.065  1.249  10.818  1.00 0.00 ? 6  VAL A CG2  1 
ATOM 75  H H    . VAL A 1 6  ? -6.932  0.441  7.960   1.00 0.00 ? 6  VAL A H    1 
ATOM 76  H HA   . VAL A 1 6  ? -4.683  2.233  8.706   1.00 0.00 ? 6  VAL A HA   1 
ATOM 77  H HB   . VAL A 1 6  ? -5.565  -0.489 9.658   1.00 0.00 ? 6  VAL A HB   1 
ATOM 78  H HG11 . VAL A 1 6  ? -3.271  1.275  10.560  1.00 0.00 ? 6  VAL A HG11 1 
ATOM 79  H HG12 . VAL A 1 6  ? -3.183  -0.386 9.977   1.00 0.00 ? 6  VAL A HG12 1 
ATOM 80  H HG13 . VAL A 1 6  ? -3.915  -0.040 11.542  1.00 0.00 ? 6  VAL A HG13 1 
ATOM 81  H HG21 . VAL A 1 6  ? -5.711  2.263  10.930  1.00 0.00 ? 6  VAL A HG21 1 
ATOM 82  H HG22 . VAL A 1 6  ? -6.067  0.760  11.782  1.00 0.00 ? 6  VAL A HG22 1 
ATOM 83  H HG23 . VAL A 1 6  ? -7.069  1.261  10.422  1.00 0.00 ? 6  VAL A HG23 1 
ATOM 84  N N    . LEU A 1 7  ? -4.524  -0.146 6.583   1.00 0.00 ? 7  LEU A N    1 
ATOM 85  C CA   . LEU A 1 7  ? -3.683  -0.873 5.580   1.00 0.00 ? 7  LEU A CA   1 
ATOM 86  C C    . LEU A 1 7  ? -3.649  -0.136 4.229   1.00 0.00 ? 7  LEU A C    1 
ATOM 87  O O    . LEU A 1 7  ? -2.960  -0.572 3.328   1.00 0.00 ? 7  LEU A O    1 
ATOM 88  C CB   . LEU A 1 7  ? -4.300  -2.272 5.421   1.00 0.00 ? 7  LEU A CB   1 
ATOM 89  C CG   . LEU A 1 7  ? -4.383  -3.029 6.756   1.00 0.00 ? 7  LEU A CG   1 
ATOM 90  C CD1  . LEU A 1 7  ? -5.121  -4.353 6.550   1.00 0.00 ? 7  LEU A CD1  1 
ATOM 91  C CD2  . LEU A 1 7  ? -2.989  -3.330 7.314   1.00 0.00 ? 7  LEU A CD2  1 
ATOM 92  H H    . LEU A 1 7  ? -5.489  -0.175 6.502   1.00 0.00 ? 7  LEU A H    1 
ATOM 93  H HA   . LEU A 1 7  ? -2.677  -0.979 5.953   1.00 0.00 ? 7  LEU A HA   1 
ATOM 94  H HB2  . LEU A 1 7  ? -5.295  -2.169 5.016   1.00 0.00 ? 7  LEU A HB2  1 
ATOM 95  H HB3  . LEU A 1 7  ? -3.699  -2.840 4.726   1.00 0.00 ? 7  LEU A HB3  1 
ATOM 96  H HG   . LEU A 1 7  ? -4.937  -2.431 7.467   1.00 0.00 ? 7  LEU A HG   1 
ATOM 97  H HD11 . LEU A 1 7  ? -5.263  -4.837 7.504   1.00 0.00 ? 7  LEU A HD11 1 
ATOM 98  H HD12 . LEU A 1 7  ? -4.541  -4.994 5.903   1.00 0.00 ? 7  LEU A HD12 1 
ATOM 99  H HD13 . LEU A 1 7  ? -6.083  -4.160 6.098   1.00 0.00 ? 7  LEU A HD13 1 
ATOM 100 H HD21 . LEU A 1 7  ? -2.422  -2.413 7.381   1.00 0.00 ? 7  LEU A HD21 1 
ATOM 101 H HD22 . LEU A 1 7  ? -2.481  -4.024 6.662   1.00 0.00 ? 7  LEU A HD22 1 
ATOM 102 H HD23 . LEU A 1 7  ? -3.084  -3.767 8.297   1.00 0.00 ? 7  LEU A HD23 1 
ATOM 103 N N    . ALA A 1 8  ? -4.360  0.962  4.067   1.00 0.00 ? 8  ALA A N    1 
ATOM 104 C CA   . ALA A 1 8  ? -4.354  1.724  2.774   1.00 0.00 ? 8  ALA A CA   1 
ATOM 105 C C    . ALA A 1 8  ? -2.924  2.201  2.481   1.00 0.00 ? 8  ALA A C    1 
ATOM 106 O O    . ALA A 1 8  ? -2.537  2.323  1.333   1.00 0.00 ? 8  ALA A O    1 
ATOM 107 C CB   . ALA A 1 8  ? -5.293  2.924  2.953   1.00 0.00 ? 8  ALA A CB   1 
ATOM 108 H H    . ALA A 1 8  ? -4.907  1.298  4.808   1.00 0.00 ? 8  ALA A H    1 
ATOM 109 H HA   . ALA A 1 8  ? -4.710  1.096  1.971   1.00 0.00 ? 8  ALA A HA   1 
ATOM 110 H HB1  . ALA A 1 8  ? -6.306  2.623  2.729   1.00 0.00 ? 8  ALA A HB1  1 
ATOM 111 H HB2  . ALA A 1 8  ? -4.999  3.716  2.280   1.00 0.00 ? 8  ALA A HB2  1 
ATOM 112 H HB3  . ALA A 1 8  ? -5.240  3.279  3.971   1.00 0.00 ? 8  ALA A HB3  1 
ATOM 113 N N    . GLY A 1 9  ? -2.150  2.453  3.518   1.00 0.00 ? 9  GLY A N    1 
ATOM 114 C CA   . GLY A 1 9  ? -0.735  2.907  3.356   1.00 0.00 ? 9  GLY A CA   1 
ATOM 115 C C    . GLY A 1 9  ? 0.079   1.747  2.766   1.00 0.00 ? 9  GLY A C    1 
ATOM 116 O O    . GLY A 1 9  ? 0.956   1.972  1.956   1.00 0.00 ? 9  GLY A O    1 
ATOM 117 H H    . GLY A 1 9  ? -2.504  2.330  4.427   1.00 0.00 ? 9  GLY A H    1 
ATOM 118 H HA2  . GLY A 1 9  ? -0.701  3.759  2.691   1.00 0.00 ? 9  GLY A HA2  1 
ATOM 119 H HA3  . GLY A 1 9  ? -0.321  3.173  4.318   1.00 0.00 ? 9  GLY A HA3  1 
ATOM 120 N N    . ILE A 1 10 ? -0.222  0.526  3.162   1.00 0.00 ? 10 ILE A N    1 
ATOM 121 C CA   . ILE A 1 10 ? 0.493   -0.688 2.648   1.00 0.00 ? 10 ILE A CA   1 
ATOM 122 C C    . ILE A 1 10 ? 0.300   -0.742 1.127   1.00 0.00 ? 10 ILE A C    1 
ATOM 123 O O    . ILE A 1 10 ? 1.263   -0.876 0.400   1.00 0.00 ? 10 ILE A O    1 
ATOM 124 C CB   . ILE A 1 10 ? -0.156  -1.895 3.350   1.00 0.00 ? 10 ILE A CB   1 
ATOM 125 C CG1  . ILE A 1 10 ? 0.312   -1.934 4.809   1.00 0.00 ? 10 ILE A CG1  1 
ATOM 126 C CG2  . ILE A 1 10 ? 0.185   -3.214 2.645   1.00 0.00 ? 10 ILE A CG2  1 
ATOM 127 C CD1  . ILE A 1 10 ? -0.387  -3.067 5.562   1.00 0.00 ? 10 ILE A CD1  1 
ATOM 128 H H    . ILE A 1 10 ? -0.946  0.403  3.813   1.00 0.00 ? 10 ILE A H    1 
ATOM 129 H HA   . ILE A 1 10 ? 1.544   -0.635 2.890   1.00 0.00 ? 10 ILE A HA   1 
ATOM 130 H HB   . ILE A 1 10 ? -1.228  -1.777 3.329   1.00 0.00 ? 10 ILE A HB   1 
ATOM 131 H HG12 . ILE A 1 10 ? 1.381   -2.088 4.844   1.00 0.00 ? 10 ILE A HG12 1 
ATOM 132 H HG13 . ILE A 1 10 ? 0.062   -0.993 5.281   1.00 0.00 ? 10 ILE A HG13 1 
ATOM 133 H HG21 . ILE A 1 10 ? 1.217   -3.203 2.330   1.00 0.00 ? 10 ILE A HG21 1 
ATOM 134 H HG22 . ILE A 1 10 ? -0.456  -3.327 1.783   1.00 0.00 ? 10 ILE A HG22 1 
ATOM 135 H HG23 . ILE A 1 10 ? 0.017   -4.040 3.321   1.00 0.00 ? 10 ILE A HG23 1 
ATOM 136 H HD11 . ILE A 1 10 ? 0.173   -3.981 5.435   1.00 0.00 ? 10 ILE A HD11 1 
ATOM 137 H HD12 . ILE A 1 10 ? -1.385  -3.198 5.168   1.00 0.00 ? 10 ILE A HD12 1 
ATOM 138 H HD13 . ILE A 1 10 ? -0.441  -2.818 6.611   1.00 0.00 ? 10 ILE A HD13 1 
ATOM 139 N N    . ALA A 1 11 ? -0.925  -0.626 0.659   1.00 0.00 ? 11 ALA A N    1 
ATOM 140 C CA   . ALA A 1 11 ? -1.202  -0.656 -0.813  1.00 0.00 ? 11 ALA A CA   1 
ATOM 141 C C    . ALA A 1 11 ? -0.483  0.523  -1.490  1.00 0.00 ? 11 ALA A C    1 
ATOM 142 O O    . ALA A 1 11 ? 0.058   0.373  -2.569  1.00 0.00 ? 11 ALA A O    1 
ATOM 143 C CB   . ALA A 1 11 ? -2.720  -0.529 -0.968  1.00 0.00 ? 11 ALA A CB   1 
ATOM 144 H H    . ALA A 1 11 ? -1.669  -0.511 1.290   1.00 0.00 ? 11 ALA A H    1 
ATOM 145 H HA   . ALA A 1 11 ? -0.867  -1.589 -1.239  1.00 0.00 ? 11 ALA A HA   1 
ATOM 146 H HB1  . ALA A 1 11 ? -3.190  -1.469 -0.716  1.00 0.00 ? 11 ALA A HB1  1 
ATOM 147 H HB2  . ALA A 1 11 ? -2.955  -0.272 -1.991  1.00 0.00 ? 11 ALA A HB2  1 
ATOM 148 H HB3  . ALA A 1 11 ? -3.089  0.245  -0.313  1.00 0.00 ? 11 ALA A HB3  1 
ATOM 149 N N    . TYR A 1 12 ? -0.472  1.674  -0.852  1.00 0.00 ? 12 TYR A N    1 
ATOM 150 C CA   . TYR A 1 12 ? 0.210   2.883  -1.419  1.00 0.00 ? 12 TYR A CA   1 
ATOM 151 C C    . TYR A 1 12 ? 1.713   2.607  -1.532  1.00 0.00 ? 12 TYR A C    1 
ATOM 152 O O    . TYR A 1 12 ? 2.301   2.777  -2.585  1.00 0.00 ? 12 TYR A O    1 
ATOM 153 C CB   . TYR A 1 12 ? -0.035  4.026  -0.426  1.00 0.00 ? 12 TYR A CB   1 
ATOM 154 C CG   . TYR A 1 12 ? -0.263  5.311  -1.183  1.00 0.00 ? 12 TYR A CG   1 
ATOM 155 C CD1  . TYR A 1 12 ? 0.828   6.124  -1.507  1.00 0.00 ? 12 TYR A CD1  1 
ATOM 156 C CD2  . TYR A 1 12 ? -1.558  5.690  -1.559  1.00 0.00 ? 12 TYR A CD2  1 
ATOM 157 C CE1  . TYR A 1 12 ? 0.626   7.317  -2.210  1.00 0.00 ? 12 TYR A CE1  1 
ATOM 158 C CE2  . TYR A 1 12 ? -1.759  6.882  -2.260  1.00 0.00 ? 12 TYR A CE2  1 
ATOM 159 C CZ   . TYR A 1 12 ? -0.668  7.696  -2.586  1.00 0.00 ? 12 TYR A CZ   1 
ATOM 160 O OH   . TYR A 1 12 ? -0.867  8.872  -3.278  1.00 0.00 ? 12 TYR A OH   1 
ATOM 161 H H    . TYR A 1 12 ? -0.918  1.738  0.023   1.00 0.00 ? 12 TYR A H    1 
ATOM 162 H HA   . TYR A 1 12 ? -0.207  3.137  -2.382  1.00 0.00 ? 12 TYR A HA   1 
ATOM 163 H HB2  . TYR A 1 12 ? -0.890  3.797  0.186   1.00 0.00 ? 12 TYR A HB2  1 
ATOM 164 H HB3  . TYR A 1 12 ? 0.831   4.138  0.210   1.00 0.00 ? 12 TYR A HB3  1 
ATOM 165 H HD1  . TYR A 1 12 ? 1.826   5.829  -1.217  1.00 0.00 ? 12 TYR A HD1  1 
ATOM 166 H HD2  . TYR A 1 12 ? -2.401  5.062  -1.308  1.00 0.00 ? 12 TYR A HD2  1 
ATOM 167 H HE1  . TYR A 1 12 ? 1.467   7.945  -2.461  1.00 0.00 ? 12 TYR A HE1  1 
ATOM 168 H HE2  . TYR A 1 12 ? -2.757  7.175  -2.551  1.00 0.00 ? 12 TYR A HE2  1 
ATOM 169 H HH   . TYR A 1 12 ? -1.013  9.575  -2.640  1.00 0.00 ? 12 TYR A HH   1 
ATOM 170 N N    . PHE A 1 13 ? 2.308   2.179  -0.440  1.00 0.00 ? 13 PHE A N    1 
ATOM 171 C CA   . PHE A 1 13 ? 3.771   1.868  -0.417  1.00 0.00 ? 13 PHE A CA   1 
ATOM 172 C C    . PHE A 1 13 ? 4.092   0.748  -1.416  1.00 0.00 ? 13 PHE A C    1 
ATOM 173 O O    . PHE A 1 13 ? 5.126   0.806  -2.054  1.00 0.00 ? 13 PHE A O    1 
ATOM 174 C CB   . PHE A 1 13 ? 4.132   1.448  1.013   1.00 0.00 ? 13 PHE A CB   1 
ATOM 175 C CG   . PHE A 1 13 ? 5.569   1.833  1.283   1.00 0.00 ? 13 PHE A CG   1 
ATOM 176 C CD1  . PHE A 1 13 ? 6.611   1.008  0.841   1.00 0.00 ? 13 PHE A CD1  1 
ATOM 177 C CD2  . PHE A 1 13 ? 5.861   3.016  1.971   1.00 0.00 ? 13 PHE A CD2  1 
ATOM 178 C CE1  . PHE A 1 13 ? 7.941   1.364  1.087   1.00 0.00 ? 13 PHE A CE1  1 
ATOM 179 C CE2  . PHE A 1 13 ? 7.192   3.374  2.217   1.00 0.00 ? 13 PHE A CE2  1 
ATOM 180 C CZ   . PHE A 1 13 ? 8.232   2.547  1.775   1.00 0.00 ? 13 PHE A CZ   1 
ATOM 181 H H    . PHE A 1 13 ? 1.769   2.062  0.377   1.00 0.00 ? 13 PHE A H    1 
ATOM 182 H HA   . PHE A 1 13 ? 4.329   2.755  -0.681  1.00 0.00 ? 13 PHE A HA   1 
ATOM 183 H HB2  . PHE A 1 13 ? 3.481   1.947  1.717   1.00 0.00 ? 13 PHE A HB2  1 
ATOM 184 H HB3  . PHE A 1 13 ? 4.024   0.378  1.115   1.00 0.00 ? 13 PHE A HB3  1 
ATOM 185 H HD1  . PHE A 1 13 ? 6.389   0.094  0.309   1.00 0.00 ? 13 PHE A HD1  1 
ATOM 186 H HD2  . PHE A 1 13 ? 5.058   3.654  2.312   1.00 0.00 ? 13 PHE A HD2  1 
ATOM 187 H HE1  . PHE A 1 13 ? 8.742   0.727  0.745   1.00 0.00 ? 13 PHE A HE1  1 
ATOM 188 H HE2  . PHE A 1 13 ? 7.415   4.287  2.748   1.00 0.00 ? 13 PHE A HE2  1 
ATOM 189 H HZ   . PHE A 1 13 ? 9.258   2.823  1.964   1.00 0.00 ? 13 PHE A HZ   1 
ATOM 190 N N    . SER A 1 14 ? 3.233   -0.242 -1.559  1.00 0.00 ? 14 SER A N    1 
ATOM 191 C CA   . SER A 1 14 ? 3.487   -1.362 -2.528  1.00 0.00 ? 14 SER A CA   1 
ATOM 192 C C    . SER A 1 14 ? 3.662   -0.778 -3.936  1.00 0.00 ? 14 SER A C    1 
ATOM 193 O O    . SER A 1 14 ? 4.549   -1.186 -4.663  1.00 0.00 ? 14 SER A O    1 
ATOM 194 C CB   . SER A 1 14 ? 2.263   -2.281 -2.493  1.00 0.00 ? 14 SER A CB   1 
ATOM 195 O OG   . SER A 1 14 ? 2.672   -3.609 -2.796  1.00 0.00 ? 14 SER A OG   1 
ATOM 196 H H    . SER A 1 14 ? 2.407   -0.245 -1.025  1.00 0.00 ? 14 SER A H    1 
ATOM 197 H HA   . SER A 1 14 ? 4.368   -1.914 -2.238  1.00 0.00 ? 14 SER A HA   1 
ATOM 198 H HB2  . SER A 1 14 ? 1.813   -2.268 -1.513  1.00 0.00 ? 14 SER A HB2  1 
ATOM 199 H HB3  . SER A 1 14 ? 1.544   -1.927 -3.220  1.00 0.00 ? 14 SER A HB3  1 
ATOM 200 H HG   . SER A 1 14 ? 1.894   -4.172 -2.785  1.00 0.00 ? 14 SER A HG   1 
ATOM 201 N N    . MET A 1 15 ? 2.834   0.176  -4.308  1.00 0.00 ? 15 MET A N    1 
ATOM 202 C CA   . MET A 1 15 ? 2.945   0.810  -5.657  1.00 0.00 ? 15 MET A CA   1 
ATOM 203 C C    . MET A 1 15 ? 4.240   1.627  -5.695  1.00 0.00 ? 15 MET A C    1 
ATOM 204 O O    . MET A 1 15 ? 4.920   1.612  -6.701  1.00 0.00 ? 15 MET A O    1 
ATOM 205 C CB   . MET A 1 15 ? 1.706   1.696  -5.847  1.00 0.00 ? 15 MET A CB   1 
ATOM 206 C CG   . MET A 1 15 ? 1.033   1.390  -7.188  1.00 0.00 ? 15 MET A CG   1 
ATOM 207 S SD   . MET A 1 15 ? -0.735  1.755  -7.065  1.00 0.00 ? 15 MET A SD   1 
ATOM 208 C CE   . MET A 1 15 ? -1.108  1.730  -8.835  1.00 0.00 ? 15 MET A CE   1 
ATOM 209 H H    . MET A 1 15 ? 2.139   0.484  -3.688  1.00 0.00 ? 15 MET A H    1 
ATOM 210 H HA   . MET A 1 15 ? 2.990   0.046  -6.419  1.00 0.00 ? 15 MET A HA   1 
ATOM 211 H HB2  . MET A 1 15 ? 1.003   1.514  -5.047  1.00 0.00 ? 15 MET A HB2  1 
ATOM 212 H HB3  . MET A 1 15 ? 2.003   2.734  -5.831  1.00 0.00 ? 15 MET A HB3  1 
ATOM 213 H HG2  . MET A 1 15 ? 1.474   2.003  -7.960  1.00 0.00 ? 15 MET A HG2  1 
ATOM 214 H HG3  . MET A 1 15 ? 1.167   0.346  -7.435  1.00 0.00 ? 15 MET A HG3  1 
ATOM 215 H HE1  . MET A 1 15 ? -0.384  2.336  -9.362  1.00 0.00 ? 15 MET A HE1  1 
ATOM 216 H HE2  . MET A 1 15 ? -2.094  2.131  -9.006  1.00 0.00 ? 15 MET A HE2  1 
ATOM 217 H HE3  . MET A 1 15 ? -1.074  0.711  -9.194  1.00 0.00 ? 15 MET A HE3  1 
ATOM 218 N N    . VAL A 1 16 ? 4.591   2.316  -4.626  1.00 0.00 ? 16 VAL A N    1 
ATOM 219 C CA   . VAL A 1 16 ? 5.861   3.117  -4.612  1.00 0.00 ? 16 VAL A CA   1 
ATOM 220 C C    . VAL A 1 16 ? 7.057   2.162  -4.750  1.00 0.00 ? 16 VAL A C    1 
ATOM 221 O O    . VAL A 1 16 ? 8.075   2.508  -5.314  1.00 0.00 ? 16 VAL A O    1 
ATOM 222 C CB   . VAL A 1 16 ? 5.918   3.935  -3.312  1.00 0.00 ? 16 VAL A CB   1 
ATOM 223 C CG1  . VAL A 1 16 ? 7.150   4.846  -3.318  1.00 0.00 ? 16 VAL A CG1  1 
ATOM 224 C CG2  . VAL A 1 16 ? 4.669   4.815  -3.165  1.00 0.00 ? 16 VAL A CG2  1 
ATOM 225 H H    . VAL A 1 16 ? 4.022   2.294  -3.827  1.00 0.00 ? 16 VAL A H    1 
ATOM 226 H HA   . VAL A 1 16 ? 5.863   3.759  -5.463  1.00 0.00 ? 16 VAL A HA   1 
ATOM 227 H HB   . VAL A 1 16 ? 5.986   3.257  -2.473  1.00 0.00 ? 16 VAL A HB   1 
ATOM 228 H HG11 . VAL A 1 16 ? 7.063   5.571  -4.114  1.00 0.00 ? 16 VAL A HG11 1 
ATOM 229 H HG12 . VAL A 1 16 ? 8.040   4.253  -3.469  1.00 0.00 ? 16 VAL A HG12 1 
ATOM 230 H HG13 . VAL A 1 16 ? 7.221   5.362  -2.372  1.00 0.00 ? 16 VAL A HG13 1 
ATOM 231 H HG21 . VAL A 1 16 ? 4.135   4.527  -2.271  1.00 0.00 ? 16 VAL A HG21 1 
ATOM 232 H HG22 . VAL A 1 16 ? 4.025   4.686  -4.022  1.00 0.00 ? 16 VAL A HG22 1 
ATOM 233 H HG23 . VAL A 1 16 ? 4.960   5.852  -3.088  1.00 0.00 ? 16 VAL A HG23 1 
ATOM 234 N N    . GLY A 1 17 ? 6.899   0.968  -4.247  1.00 0.00 ? 17 GLY A N    1 
ATOM 235 C CA   . GLY A 1 17 ? 7.952   -0.087 -4.314  1.00 0.00 ? 17 GLY A CA   1 
ATOM 236 C C    . GLY A 1 17 ? 8.088   -0.477 -5.792  1.00 0.00 ? 17 GLY A C    1 
ATOM 237 O O    . GLY A 1 17 ? 9.189   -0.608 -6.288  1.00 0.00 ? 17 GLY A O    1 
ATOM 238 H H    . GLY A 1 17 ? 6.045   0.767  -3.822  1.00 0.00 ? 17 GLY A H    1 
ATOM 239 H HA2  . GLY A 1 17 ? 8.886   0.303  -3.934  1.00 0.00 ? 17 GLY A HA2  1 
ATOM 240 H HA3  . GLY A 1 17 ? 7.651   -0.955 -3.750  1.00 0.00 ? 17 GLY A HA3  1 
ATOM 241 N N    . ASN A 1 18 ? 6.982   -0.642 -6.488  1.00 0.00 ? 18 ASN A N    1 
ATOM 242 C CA   . ASN A 1 18 ? 7.026   -1.005 -7.942  1.00 0.00 ? 18 ASN A CA   1 
ATOM 243 C C    . ASN A 1 18 ? 7.531   0.220  -8.725  1.00 0.00 ? 18 ASN A C    1 
ATOM 244 O O    . ASN A 1 18 ? 8.327   0.092  -9.636  1.00 0.00 ? 18 ASN A O    1 
ATOM 245 C CB   . ASN A 1 18 ? 5.587   -1.360 -8.338  1.00 0.00 ? 18 ASN A CB   1 
ATOM 246 C CG   . ASN A 1 18 ? 5.331   -2.854 -8.116  1.00 0.00 ? 18 ASN A CG   1 
ATOM 247 O OD1  . ASN A 1 18 ? 5.438   -3.346 -7.011  1.00 0.00 ? 18 ASN A OD1  1 
ATOM 248 N ND2  . ASN A 1 18 ? 4.993   -3.608 -9.125  1.00 0.00 ? 18 ASN A ND2  1 
ATOM 249 H H    . ASN A 1 18 ? 6.105   -0.515 -6.052  1.00 0.00 ? 18 ASN A H    1 
ATOM 250 H HA   . ASN A 1 18 ? 7.678   -1.850 -8.101  1.00 0.00 ? 18 ASN A HA   1 
ATOM 251 H HB2  . ASN A 1 18 ? 4.894   -0.787 -7.738  1.00 0.00 ? 18 ASN A HB2  1 
ATOM 252 H HB3  . ASN A 1 18 ? 5.434   -1.126 -9.380  1.00 0.00 ? 18 ASN A HB3  1 
ATOM 253 H HD21 . ASN A 1 18 ? 4.904   -3.217 -10.024 1.00 0.00 ? 18 ASN A HD21 1 
ATOM 254 H HD22 . ASN A 1 18 ? 4.830   -4.568 -8.981  1.00 0.00 ? 18 ASN A HD22 1 
ATOM 255 N N    . TRP A 1 19 ? 7.063   1.391  -8.355  1.00 0.00 ? 19 TRP A N    1 
ATOM 256 C CA   . TRP A 1 19 ? 7.441   2.684  -8.988  1.00 0.00 ? 19 TRP A CA   1 
ATOM 257 C C    . TRP A 1 19 ? 8.944   2.959  -8.833  1.00 0.00 ? 19 TRP A C    1 
ATOM 258 O O    . TRP A 1 19 ? 9.590   3.294  -9.808  1.00 0.00 ? 19 TRP A O    1 
ATOM 259 C CB   . TRP A 1 19 ? 6.616   3.735  -8.224  1.00 0.00 ? 19 TRP A CB   1 
ATOM 260 C CG   . TRP A 1 19 ? 6.955   5.115  -8.682  1.00 0.00 ? 19 TRP A CG   1 
ATOM 261 C CD1  . TRP A 1 19 ? 7.441   5.384  -9.904  1.00 0.00 ? 19 TRP A CD1  1 
ATOM 262 C CD2  . TRP A 1 19 ? 6.858   6.388  -7.986  1.00 0.00 ? 19 TRP A CD2  1 
ATOM 263 N NE1  . TRP A 1 19 ? 7.653   6.743  -10.024 1.00 0.00 ? 19 TRP A NE1  1 
ATOM 264 C CE2  . TRP A 1 19 ? 7.306   7.410  -8.862  1.00 0.00 ? 19 TRP A CE2  1 
ATOM 265 C CE3  . TRP A 1 19 ? 6.429   6.750  -6.700  1.00 0.00 ? 19 TRP A CE3  1 
ATOM 266 C CZ2  . TRP A 1 19 ? 7.324   8.750  -8.463  1.00 0.00 ? 19 TRP A CZ2  1 
ATOM 267 C CZ3  . TRP A 1 19 ? 6.447   8.091  -6.298  1.00 0.00 ? 19 TRP A CZ3  1 
ATOM 268 C CH2  . TRP A 1 19 ? 6.892   9.089  -7.175  1.00 0.00 ? 19 TRP A CH2  1 
ATOM 269 H H    . TRP A 1 19 ? 6.427   1.439  -7.617  1.00 0.00 ? 19 TRP A H    1 
ATOM 270 H HA   . TRP A 1 19 ? 7.152   2.702  -10.027 1.00 0.00 ? 19 TRP A HA   1 
ATOM 271 H HB2  . TRP A 1 19 ? 5.564   3.557  -8.391  1.00 0.00 ? 19 TRP A HB2  1 
ATOM 272 H HB3  . TRP A 1 19 ? 6.824   3.648  -7.167  1.00 0.00 ? 19 TRP A HB3  1 
ATOM 273 H HD1  . TRP A 1 19 ? 7.622   4.614  -10.638 1.00 0.00 ? 19 TRP A HD1  1 
ATOM 274 H HE1  . TRP A 1 19 ? 8.002   7.194  -10.820 1.00 0.00 ? 19 TRP A HE1  1 
ATOM 275 H HE3  . TRP A 1 19 ? 6.086   5.985  -6.019  1.00 0.00 ? 19 TRP A HE3  1 
ATOM 276 H HZ2  . TRP A 1 19 ? 7.667   9.516  -9.142  1.00 0.00 ? 19 TRP A HZ2  1 
ATOM 277 H HZ3  . TRP A 1 19 ? 6.115   8.357  -5.306  1.00 0.00 ? 19 TRP A HZ3  1 
ATOM 278 H HH2  . TRP A 1 19 ? 6.902   10.120 -6.857  1.00 0.00 ? 19 TRP A HH2  1 
ATOM 279 N N    . ALA A 1 20 ? 9.476   2.827  -7.637  1.00 0.00 ? 20 ALA A N    1 
ATOM 280 C CA   . ALA A 1 20 ? 10.930  3.081  -7.380  1.00 0.00 ? 20 ALA A CA   1 
ATOM 281 C C    . ALA A 1 20 ? 11.803  2.365  -8.419  1.00 0.00 ? 20 ALA A C    1 
ATOM 282 O O    . ALA A 1 20 ? 12.500  3.028  -9.164  1.00 0.00 ? 20 ALA A O    1 
ATOM 283 C CB   . ALA A 1 20 ? 11.199  2.568  -5.963  1.00 0.00 ? 20 ALA A CB   1 
ATOM 284 H H    . ALA A 1 20 ? 8.901   2.557  -6.887  1.00 0.00 ? 20 ALA A H    1 
ATOM 285 H HA   . ALA A 1 20 ? 11.115  4.143  -7.411  1.00 0.00 ? 20 ALA A HA   1 
ATOM 286 H HB1  . ALA A 1 20 ? 10.632  3.159  -5.258  1.00 0.00 ? 20 ALA A HB1  1 
ATOM 287 H HB2  . ALA A 1 20 ? 12.252  2.654  -5.744  1.00 0.00 ? 20 ALA A HB2  1 
ATOM 288 H HB3  . ALA A 1 20 ? 10.895  1.534  -5.892  1.00 0.00 ? 20 ALA A HB3  1 
ATOM 289 N N    . LYS A 1 21 ? 11.743  1.048  -8.461  1.00 0.00 ? 21 LYS A N    1 
ATOM 290 C CA   . LYS A 1 21 ? 12.522  0.196  -9.422  1.00 0.00 ? 21 LYS A CA   1 
ATOM 291 C C    . LYS A 1 21 ? 14.056  0.255  -9.254  1.00 0.00 ? 21 LYS A C    1 
ATOM 292 O O    . LYS A 1 21 ? 14.685  -0.749 -9.555  1.00 0.00 ? 21 LYS A O    1 
ATOM 293 C CB   . LYS A 1 21 ? 12.046  0.628  -10.820 1.00 0.00 ? 21 LYS A CB   1 
ATOM 294 C CG   . LYS A 1 21 ? 12.680  -0.229 -11.922 1.00 0.00 ? 21 LYS A CG   1 
ATOM 295 C CD   . LYS A 1 21 ? 12.232  -1.688 -11.785 1.00 0.00 ? 21 LYS A CD   1 
ATOM 296 C CE   . LYS A 1 21 ? 12.969  -2.559 -12.808 1.00 0.00 ? 21 LYS A CE   1 
ATOM 297 N NZ   . LYS A 1 21 ? 12.135  -2.554 -14.044 1.00 0.00 ? 21 LYS A NZ   1 
ATOM 298 O OXT  . LYS A 1 21 ? 14.601  1.264  -8.837  1.00 0.00 ? 21 LYS A OXT  1 
ATOM 299 H H    . LYS A 1 21 ? 11.145  0.593  -7.829  1.00 0.00 ? 21 LYS A H    1 
ATOM 300 H HA   . LYS A 1 21 ? 12.214  -0.827 -9.280  1.00 0.00 ? 21 LYS A HA   1 
ATOM 301 H HB2  . LYS A 1 21 ? 10.972  0.522  -10.869 1.00 0.00 ? 21 LYS A HB2  1 
ATOM 302 H HB3  . LYS A 1 21 ? 12.300  1.666  -10.983 1.00 0.00 ? 21 LYS A HB3  1 
ATOM 303 H HG2  . LYS A 1 21 ? 12.378  0.154  -12.886 1.00 0.00 ? 21 LYS A HG2  1 
ATOM 304 H HG3  . LYS A 1 21 ? 13.756  -0.177 -11.840 1.00 0.00 ? 21 LYS A HG3  1 
ATOM 305 H HD2  . LYS A 1 21 ? 12.461  -2.037 -10.789 1.00 0.00 ? 21 LYS A HD2  1 
ATOM 306 H HD3  . LYS A 1 21 ? 11.168  -1.758 -11.955 1.00 0.00 ? 21 LYS A HD3  1 
ATOM 307 H HE2  . LYS A 1 21 ? 13.949  -2.146 -13.007 1.00 0.00 ? 21 LYS A HE2  1 
ATOM 308 H HE3  . LYS A 1 21 ? 13.060  -3.568 -12.436 1.00 0.00 ? 21 LYS A HE3  1 
ATOM 309 H HZ1  . LYS A 1 21 ? 11.879  -1.577 -14.298 1.00 0.00 ? 21 LYS A HZ1  1 
ATOM 310 H HZ2  . LYS A 1 21 ? 11.267  -3.107 -13.882 1.00 0.00 ? 21 LYS A HZ2  1 
ATOM 311 H HZ3  . LYS A 1 21 ? 12.673  -2.976 -14.825 1.00 0.00 ? 21 LYS A HZ3  1 
# 
